data_8ZXR
#
_entry.id   8ZXR
#
_cell.length_a   83.597
_cell.length_b   83.597
_cell.length_c   69.300
_cell.angle_alpha   90.00
_cell.angle_beta   90.00
_cell.angle_gamma   120.00
#
_symmetry.space_group_name_H-M   'P 63 2 2'
#
loop_
_entity.id
_entity.type
_entity.pdbx_description
1 polymer 'Ssr1698 protein'
2 polymer 'Cytochrome c'
3 non-polymer 'NICKEL (II) ION'
4 non-polymer 'CHLORIDE ION'
5 non-polymer 'HEME C'
6 non-polymer GLYCEROL
7 water water
#
loop_
_entity_poly.entity_id
_entity_poly.type
_entity_poly.pdbx_seq_one_letter_code
_entity_poly.pdbx_strand_id
1 'polypeptide(L)'
;MMADPLTPAISDRICKHMNEDHASAIALYAQVFGQQTDVTMAQMQAIDPTGMDLVVESEGGSKTIRIEFEQPLKDSEDAH
QVLIAMAKQARSVGKNSLEHHHHHH
;
A
2 'polypeptide(L)' VQKCAQCHTVQ B
#
loop_
_chem_comp.id
_chem_comp.type
_chem_comp.name
_chem_comp.formula
CL non-polymer 'CHLORIDE ION' 'Cl -1'
GOL non-polymer GLYCEROL 'C3 H8 O3'
HEC non-polymer 'HEME C' 'C34 H34 Fe N4 O4'
NI non-polymer 'NICKEL (II) ION' 'Ni 2'
#
# COMPACT_ATOMS: atom_id res chain seq x y z
N MET A 2 -6.32 19.26 -20.27
CA MET A 2 -6.29 18.84 -18.87
C MET A 2 -4.95 18.25 -18.37
N ALA A 3 -4.80 18.21 -17.04
CA ALA A 3 -3.76 17.41 -16.40
C ALA A 3 -4.07 15.90 -16.52
N ASP A 4 -3.02 15.03 -16.49
CA ASP A 4 -3.28 13.58 -16.52
C ASP A 4 -3.85 13.05 -15.20
N PRO A 5 -5.02 12.39 -15.21
CA PRO A 5 -5.59 11.80 -13.98
C PRO A 5 -5.06 10.39 -13.67
N LEU A 6 -5.39 9.90 -12.47
CA LEU A 6 -5.25 8.46 -12.22
C LEU A 6 -6.26 7.71 -13.10
N THR A 7 -5.87 6.54 -13.63
CA THR A 7 -6.75 5.69 -14.43
C THR A 7 -6.75 4.24 -13.93
N PRO A 8 -7.77 3.45 -14.29
CA PRO A 8 -7.69 1.99 -14.00
C PRO A 8 -6.43 1.31 -14.54
N ALA A 9 -5.93 1.66 -15.74
CA ALA A 9 -4.73 0.99 -16.26
C ALA A 9 -3.48 1.34 -15.45
N ILE A 10 -3.34 2.62 -15.01
CA ILE A 10 -2.18 3.01 -14.15
C ILE A 10 -2.27 2.36 -12.76
N SER A 11 -3.48 2.35 -12.15
CA SER A 11 -3.68 1.62 -10.91
CA SER A 11 -3.71 1.59 -10.91
C SER A 11 -3.24 0.15 -11.04
N ASP A 12 -3.58 -0.54 -12.15
CA ASP A 12 -3.19 -1.95 -12.31
C ASP A 12 -1.65 -2.12 -12.38
N ARG A 13 -0.95 -1.20 -13.10
CA ARG A 13 0.51 -1.22 -13.16
C ARG A 13 1.14 -1.08 -11.78
N ILE A 14 0.67 -0.12 -10.97
CA ILE A 14 1.18 0.08 -9.60
C ILE A 14 0.89 -1.15 -8.75
N CYS A 15 -0.38 -1.64 -8.73
CA CYS A 15 -0.70 -2.83 -7.92
C CYS A 15 0.19 -4.06 -8.25
N LYS A 16 0.48 -4.32 -9.55
CA LYS A 16 1.32 -5.48 -9.90
C LYS A 16 2.78 -5.30 -9.41
N HIS A 17 3.34 -4.11 -9.59
CA HIS A 17 4.71 -3.84 -9.08
C HIS A 17 4.79 -3.99 -7.55
N MET A 18 3.75 -3.55 -6.81
CA MET A 18 3.73 -3.75 -5.33
C MET A 18 3.60 -5.25 -4.98
N ASN A 19 2.70 -5.99 -5.64
CA ASN A 19 2.50 -7.42 -5.31
C ASN A 19 3.70 -8.31 -5.65
N GLU A 20 4.42 -7.99 -6.76
CA GLU A 20 5.59 -8.75 -7.20
C GLU A 20 6.75 -8.64 -6.21
N ASP A 21 7.10 -7.40 -5.83
CA ASP A 21 8.40 -7.10 -5.19
C ASP A 21 8.28 -6.50 -3.79
N HIS A 22 7.09 -6.00 -3.38
CA HIS A 22 6.90 -5.24 -2.13
C HIS A 22 5.82 -5.90 -1.21
N ALA A 23 5.67 -7.24 -1.29
CA ALA A 23 4.55 -7.90 -0.58
C ALA A 23 4.59 -7.70 0.94
N SER A 24 5.80 -7.62 1.51
CA SER A 24 5.91 -7.42 2.96
C SER A 24 5.25 -6.11 3.42
N ALA A 25 5.37 -5.05 2.61
CA ALA A 25 4.78 -3.76 2.95
C ALA A 25 3.25 -3.83 2.96
N ILE A 26 2.65 -4.61 2.04
CA ILE A 26 1.19 -4.72 2.00
C ILE A 26 0.64 -5.41 3.26
N ALA A 27 1.37 -6.42 3.79
CA ALA A 27 0.92 -7.03 5.05
C ALA A 27 0.99 -6.04 6.23
N LEU A 28 1.98 -5.13 6.19
CA LEU A 28 2.07 -4.08 7.22
C LEU A 28 0.91 -3.08 7.12
N TYR A 29 0.54 -2.66 5.90
CA TYR A 29 -0.66 -1.81 5.76
C TYR A 29 -1.90 -2.47 6.40
N ALA A 30 -2.10 -3.77 6.14
CA ALA A 30 -3.27 -4.46 6.71
C ALA A 30 -3.27 -4.45 8.24
N GLN A 31 -2.09 -4.63 8.85
CA GLN A 31 -2.00 -4.65 10.31
C GLN A 31 -2.20 -3.27 10.94
N VAL A 32 -1.51 -2.24 10.41
CA VAL A 32 -1.45 -0.95 11.09
C VAL A 32 -2.66 -0.08 10.74
N PHE A 33 -3.02 -0.01 9.46
CA PHE A 33 -4.12 0.82 8.98
C PHE A 33 -5.42 0.04 8.78
N GLY A 34 -5.37 -1.28 8.63
CA GLY A 34 -6.58 -2.07 8.43
C GLY A 34 -7.14 -2.76 9.67
N GLN A 35 -6.49 -2.60 10.82
CA GLN A 35 -6.92 -3.14 12.11
C GLN A 35 -6.97 -4.67 12.11
N GLN A 36 -6.10 -5.31 11.31
CA GLN A 36 -6.05 -6.78 11.29
C GLN A 36 -4.94 -7.31 12.20
N THR A 37 -5.14 -8.49 12.78
CA THR A 37 -4.12 -9.17 13.56
C THR A 37 -3.79 -10.55 12.97
N ASP A 38 -2.57 -11.03 13.22
CA ASP A 38 -2.13 -12.36 12.78
C ASP A 38 -2.20 -12.52 11.26
N VAL A 39 -1.68 -11.52 10.53
CA VAL A 39 -1.72 -11.49 9.07
C VAL A 39 -0.61 -12.39 8.51
N THR A 40 -0.98 -13.41 7.71
CA THR A 40 0.08 -14.23 7.13
C THR A 40 0.61 -13.67 5.81
N MET A 41 -0.26 -13.14 4.94
CA MET A 41 0.15 -12.26 3.83
C MET A 41 -1.05 -11.44 3.33
N ALA A 42 -0.78 -10.49 2.43
CA ALA A 42 -1.84 -9.63 1.86
C ALA A 42 -1.43 -9.13 0.47
N GLN A 43 -2.42 -8.85 -0.40
CA GLN A 43 -2.18 -8.38 -1.76
C GLN A 43 -3.09 -7.19 -2.10
N MET A 44 -2.63 -6.25 -2.95
CA MET A 44 -3.42 -5.09 -3.41
C MET A 44 -4.29 -5.50 -4.61
N GLN A 45 -5.62 -5.47 -4.44
CA GLN A 45 -6.55 -5.79 -5.52
C GLN A 45 -6.80 -4.58 -6.42
N ALA A 46 -6.81 -3.36 -5.84
CA ALA A 46 -7.05 -2.15 -6.61
C ALA A 46 -6.67 -0.93 -5.78
N ILE A 47 -6.34 0.14 -6.47
CA ILE A 47 -6.19 1.47 -5.85
C ILE A 47 -7.03 2.49 -6.64
N ASP A 48 -7.72 3.40 -5.92
CA ASP A 48 -8.60 4.40 -6.57
C ASP A 48 -8.47 5.78 -5.88
N PRO A 49 -9.15 6.84 -6.35
CA PRO A 49 -8.82 8.17 -5.80
C PRO A 49 -9.14 8.34 -4.31
N THR A 50 -9.99 7.49 -3.71
CA THR A 50 -10.28 7.67 -2.27
C THR A 50 -9.80 6.52 -1.37
N GLY A 51 -9.18 5.46 -1.90
CA GLY A 51 -8.68 4.38 -1.06
C GLY A 51 -8.18 3.20 -1.87
N MET A 52 -7.83 2.12 -1.14
CA MET A 52 -7.36 0.87 -1.76
C MET A 52 -8.06 -0.35 -1.15
N ASP A 53 -8.23 -1.40 -1.97
CA ASP A 53 -8.82 -2.67 -1.55
C ASP A 53 -7.74 -3.73 -1.44
N LEU A 54 -7.70 -4.45 -0.30
CA LEU A 54 -6.71 -5.51 -0.04
C LEU A 54 -7.37 -6.88 0.18
N VAL A 55 -6.69 -7.96 -0.26
CA VAL A 55 -7.07 -9.33 0.11
C VAL A 55 -6.09 -9.81 1.19
N VAL A 56 -6.62 -10.26 2.32
CA VAL A 56 -5.82 -10.53 3.51
C VAL A 56 -6.02 -11.98 3.94
N GLU A 57 -4.92 -12.73 4.05
CA GLU A 57 -5.00 -14.10 4.54
C GLU A 57 -4.52 -14.16 5.98
N SER A 58 -5.17 -15.00 6.79
CA SER A 58 -4.93 -15.07 8.23
C SER A 58 -5.67 -16.24 8.86
N GLU A 59 -4.96 -17.03 9.67
CA GLU A 59 -5.54 -18.15 10.43
C GLU A 59 -6.24 -19.17 9.52
N GLY A 60 -5.68 -19.41 8.34
CA GLY A 60 -6.27 -20.35 7.42
C GLY A 60 -7.41 -19.82 6.57
N GLY A 61 -7.88 -18.60 6.82
CA GLY A 61 -8.95 -17.99 6.08
C GLY A 61 -8.46 -16.79 5.26
N SER A 62 -9.42 -16.17 4.56
CA SER A 62 -9.13 -15.04 3.67
C SER A 62 -10.30 -14.06 3.75
N LYS A 63 -10.00 -12.76 3.60
CA LYS A 63 -11.07 -11.75 3.58
C LYS A 63 -10.60 -10.54 2.80
N THR A 64 -11.57 -9.72 2.35
CA THR A 64 -11.23 -8.46 1.69
C THR A 64 -11.61 -7.26 2.57
N ILE A 65 -10.72 -6.26 2.57
CA ILE A 65 -10.89 -5.06 3.39
C ILE A 65 -10.59 -3.79 2.59
N ARG A 66 -11.14 -2.68 3.09
CA ARG A 66 -10.99 -1.36 2.47
C ARG A 66 -10.18 -0.47 3.41
N ILE A 67 -9.16 0.21 2.88
CA ILE A 67 -8.41 1.24 3.62
C ILE A 67 -8.65 2.60 2.93
N GLU A 68 -9.23 3.55 3.67
CA GLU A 68 -9.58 4.86 3.11
C GLU A 68 -8.45 5.87 3.31
N PHE A 69 -8.14 6.64 2.25
CA PHE A 69 -7.12 7.72 2.34
C PHE A 69 -7.71 8.97 2.98
N GLU A 70 -6.83 9.80 3.60
CA GLU A 70 -7.30 11.02 4.28
C GLU A 70 -7.74 12.13 3.32
N GLN A 71 -7.14 12.17 2.12
CA GLN A 71 -7.39 13.19 1.10
C GLN A 71 -7.46 12.49 -0.24
N PRO A 72 -8.22 13.03 -1.22
CA PRO A 72 -8.31 12.34 -2.52
C PRO A 72 -7.00 12.41 -3.32
N LEU A 73 -6.76 11.38 -4.15
CA LEU A 73 -5.61 11.34 -5.07
C LEU A 73 -6.00 11.97 -6.41
N LYS A 74 -5.21 12.96 -6.86
CA LYS A 74 -5.46 13.61 -8.16
C LYS A 74 -4.77 12.92 -9.33
N ASP A 75 -3.72 12.10 -9.09
CA ASP A 75 -2.89 11.53 -10.18
C ASP A 75 -1.96 10.48 -9.55
N SER A 76 -1.09 9.87 -10.38
CA SER A 76 -0.26 8.76 -9.85
C SER A 76 0.84 9.27 -8.93
N GLU A 77 1.19 10.56 -8.96
CA GLU A 77 2.20 11.07 -8.03
C GLU A 77 1.64 11.16 -6.61
N ASP A 78 0.37 11.54 -6.47
CA ASP A 78 -0.29 11.46 -5.14
C ASP A 78 -0.28 10.00 -4.60
N ALA A 79 -0.59 9.03 -5.47
CA ALA A 79 -0.60 7.59 -5.09
C ALA A 79 0.79 7.14 -4.64
N HIS A 80 1.83 7.49 -5.40
CA HIS A 80 3.23 7.12 -5.04
C HIS A 80 3.59 7.67 -3.65
N GLN A 81 3.27 8.95 -3.42
CA GLN A 81 3.62 9.61 -2.16
C GLN A 81 2.90 8.98 -0.97
N VAL A 82 1.59 8.69 -1.09
CA VAL A 82 0.87 8.16 0.10
C VAL A 82 1.32 6.72 0.45
N LEU A 83 1.67 5.90 -0.56
CA LEU A 83 2.15 4.55 -0.24
C LEU A 83 3.49 4.59 0.51
N ILE A 84 4.40 5.49 0.13
CA ILE A 84 5.67 5.65 0.85
C ILE A 84 5.48 6.26 2.25
N ALA A 85 4.58 7.26 2.41
CA ALA A 85 4.35 7.81 3.75
C ALA A 85 3.73 6.79 4.70
N MET A 86 2.74 6.01 4.22
CA MET A 86 2.10 5.03 5.11
C MET A 86 3.08 3.95 5.54
N ALA A 87 4.02 3.57 4.65
CA ALA A 87 5.02 2.56 5.03
C ALA A 87 5.99 3.06 6.09
N LYS A 88 6.39 4.34 5.99
CA LYS A 88 7.28 4.91 7.01
C LYS A 88 6.60 4.93 8.39
N GLN A 89 5.31 5.30 8.42
CA GLN A 89 4.61 5.35 9.69
C GLN A 89 4.47 3.97 10.30
N ALA A 90 4.17 2.97 9.45
CA ALA A 90 3.89 1.61 9.91
C ALA A 90 5.17 0.93 10.41
N ARG A 91 6.31 1.16 9.75
CA ARG A 91 7.58 0.64 10.27
C ARG A 91 7.85 1.17 11.66
N SER A 92 7.46 2.41 11.93
CA SER A 92 7.68 2.99 13.26
C SER A 92 6.88 2.30 14.36
N VAL A 93 5.72 1.72 14.05
CA VAL A 93 4.89 1.13 15.10
C VAL A 93 5.61 -0.05 15.74
N GLY A 94 6.06 -0.99 14.90
CA GLY A 94 6.71 -2.20 15.33
C GLY A 94 8.17 -2.08 15.72
N LYS A 95 8.79 -0.91 15.56
CA LYS A 95 10.17 -0.70 15.94
C LYS A 95 10.31 0.43 16.95
N ASN A 96 9.35 0.57 17.85
CA ASN A 96 9.47 1.53 18.94
C ASN A 96 9.58 0.80 20.28
N VAL B 1 10.50 -4.42 6.35
CA VAL B 1 11.45 -3.74 7.24
C VAL B 1 12.28 -2.71 6.48
N GLN B 2 12.84 -3.05 5.31
CA GLN B 2 13.76 -2.14 4.63
CA GLN B 2 13.75 -2.14 4.64
C GLN B 2 13.13 -0.76 4.49
N LYS B 3 13.91 0.27 4.75
CA LYS B 3 13.43 1.64 4.59
C LYS B 3 13.27 1.97 3.11
N CYS B 4 12.12 2.57 2.78
CA CYS B 4 11.83 2.83 1.36
C CYS B 4 12.85 3.80 0.72
N ALA B 5 13.39 4.74 1.50
CA ALA B 5 14.36 5.72 0.96
C ALA B 5 15.64 5.07 0.45
N GLN B 6 15.92 3.83 0.86
CA GLN B 6 17.13 3.18 0.37
CA GLN B 6 17.11 3.14 0.37
C GLN B 6 17.14 3.02 -1.16
N CYS B 7 15.95 2.90 -1.78
CA CYS B 7 15.87 2.88 -3.24
C CYS B 7 15.10 4.06 -3.85
N HIS B 8 14.34 4.83 -3.06
CA HIS B 8 13.43 5.85 -3.60
C HIS B 8 13.78 7.28 -3.19
N THR B 9 14.92 7.52 -2.52
CA THR B 9 15.44 8.88 -2.35
C THR B 9 16.87 8.90 -2.89
N VAL B 10 17.04 9.50 -4.06
CA VAL B 10 18.34 9.57 -4.74
C VAL B 10 18.94 10.97 -4.46
N GLN B 11 20.00 11.03 -3.64
CA GLN B 11 20.54 12.31 -3.13
C GLN B 11 22.05 12.46 -3.33
NI NI C . 8.61 1.41 -13.70
CL CL D . 7.05 1.81 -15.41
CL CL E . 7.86 1.72 -11.60
FE HEC F . 9.80 0.37 -4.48
CHA HEC F . 8.74 0.77 -7.79
CHB HEC F . 6.84 1.78 -3.40
CHC HEC F . 10.94 0.23 -1.16
CHD HEC F . 12.69 -1.07 -5.55
NA HEC F . 8.11 1.13 -5.48
C1A HEC F . 7.96 1.32 -6.82
C2A HEC F . 6.76 2.11 -7.02
C3A HEC F . 6.23 2.39 -5.81
C4A HEC F . 7.07 1.77 -4.78
CMA HEC F . 4.96 3.22 -5.49
CAA HEC F . 6.25 2.62 -8.44
CBA HEC F . 5.45 1.56 -9.26
CGA HEC F . 4.83 2.19 -10.52
O1A HEC F . 4.25 1.33 -11.28
O2A HEC F . 4.85 3.44 -10.79
NB HEC F . 9.07 0.95 -2.60
C1B HEC F . 7.74 1.42 -2.39
C2B HEC F . 7.53 1.46 -0.93
C3B HEC F . 8.67 1.02 -0.30
C4B HEC F . 9.63 0.67 -1.34
CMB HEC F . 6.22 1.96 -0.26
CAB HEC F . 9.00 0.91 1.19
CBB HEC F . 7.97 0.00 1.94
NC HEC F . 11.51 -0.27 -3.55
C1C HEC F . 11.78 -0.20 -2.19
C2C HEC F . 13.17 -0.63 -2.01
C3C HEC F . 13.69 -0.98 -3.19
C4C HEC F . 12.63 -0.78 -4.20
CMC HEC F . 13.83 -0.61 -0.61
CAC HEC F . 15.11 -1.45 -3.57
CBC HEC F . 15.65 -2.64 -2.70
ND HEC F . 10.54 -0.08 -6.32
C1D HEC F . 11.75 -0.73 -6.52
C2D HEC F . 11.90 -1.06 -7.95
C3D HEC F . 10.70 -0.51 -8.64
C4D HEC F . 9.95 0.13 -7.57
CMD HEC F . 13.08 -1.84 -8.62
CAD HEC F . 10.38 -0.58 -10.15
CBD HEC F . 9.15 -1.50 -10.40
CGD HEC F . 9.41 -2.95 -9.98
O1D HEC F . 8.91 -3.37 -8.87
O2D HEC F . 10.07 -3.73 -10.70
C1 GOL G . 19.50 5.85 -1.52
O1 GOL G . 20.39 4.74 -1.37
C2 GOL G . 19.84 6.91 -0.38
O2 GOL G . 19.69 8.22 -0.83
C3 GOL G . 18.91 6.58 0.88
O3 GOL G . 18.74 7.76 1.66
#